data_4DHQ
#
_entry.id   4DHQ
#
_cell.length_a   82.350
_cell.length_b   112.390
_cell.length_c   62.600
_cell.angle_alpha   90.00
_cell.angle_beta   90.00
_cell.angle_gamma   90.00
#
_symmetry.space_group_name_H-M   'C 2 2 21'
#
loop_
_entity.id
_entity.type
_entity.pdbx_description
1 polymer '14-3-3 protein sigma'
2 non-polymer 'MAGNESIUM ION'
3 non-polymer 'CHLORIDE ION'
4 non-polymer GLYCEROL
5 non-polymer '(2-{2-[(3-chlorophenyl)amino]-2-oxoethoxy}phenyl)phosphonic acid'
6 water water
#
_entity_poly.entity_id   1
_entity_poly.type   'polypeptide(L)'
_entity_poly.pdbx_seq_one_letter_code
;AMGSMERASLIQKAKLAEQAERYEDMAAFMKGAVEKGEELS(CSO)EERNLLSVAYKNVVGGQRAAWRVLSSIEQKSNEE
GSEEKGPEVREYREKVETELQGVCDTVLGLLDSHLIKEAGDAESRVFYLKMKGDYYRYLAEVATGDDKKRIIDSARSAYQ
EAMDISKKEMPPTNPIRLGLALNFSVFHYEIANSPEEAISLAKTTFDEAMADLHTLSEDSYKDSTLIMQLLRDNLTLWT
;
_entity_poly.pdbx_strand_id   A
#
# COMPACT_ATOMS: atom_id res chain seq x y z
N ALA A 1 3.13 19.41 15.07
CA ALA A 1 1.96 20.13 15.63
C ALA A 1 1.11 19.28 16.57
N MET A 2 1.30 17.95 16.55
CA MET A 2 0.50 17.07 17.43
C MET A 2 1.23 16.68 18.71
N GLY A 3 2.42 17.25 18.90
CA GLY A 3 3.26 16.92 20.04
C GLY A 3 2.60 17.16 21.39
N SER A 4 1.66 18.11 21.45
CA SER A 4 1.03 18.40 22.76
CA SER A 4 1.02 18.41 22.74
C SER A 4 -0.24 17.59 23.01
N MET A 5 -0.69 16.80 22.04
CA MET A 5 -1.95 16.07 22.24
C MET A 5 -1.67 14.66 22.75
N GLU A 6 -2.48 14.21 23.71
CA GLU A 6 -2.36 12.78 24.19
C GLU A 6 -2.44 11.77 23.04
N ARG A 7 -1.67 10.70 23.17
CA ARG A 7 -1.78 9.60 22.19
C ARG A 7 -3.23 9.14 22.07
N ALA A 8 -3.92 8.92 23.18
CA ALA A 8 -5.27 8.34 23.07
C ALA A 8 -6.21 9.35 22.38
N SER A 9 -5.99 10.64 22.62
CA SER A 9 -6.82 11.69 21.99
C SER A 9 -6.58 11.75 20.48
N LEU A 10 -5.32 11.57 20.07
CA LEU A 10 -4.99 11.49 18.63
C LEU A 10 -5.72 10.33 17.95
N ILE A 11 -5.71 9.17 18.59
CA ILE A 11 -6.40 7.98 18.03
CA ILE A 11 -6.38 8.02 17.98
C ILE A 11 -7.90 8.24 17.96
N GLN A 12 -8.45 8.79 19.05
CA GLN A 12 -9.89 9.07 19.06
C GLN A 12 -10.26 10.05 17.93
N LYS A 13 -9.49 11.11 17.79
CA LYS A 13 -9.72 12.08 16.69
C LYS A 13 -9.51 11.47 15.29
N ALA A 14 -8.56 10.54 15.13
CA ALA A 14 -8.40 9.88 13.82
C ALA A 14 -9.68 9.15 13.48
N LYS A 15 -10.30 8.50 14.48
CA LYS A 15 -11.53 7.76 14.21
C LYS A 15 -12.68 8.72 13.89
N LEU A 16 -12.73 9.85 14.59
CA LEU A 16 -13.71 10.92 14.24
C LEU A 16 -13.49 11.45 12.81
N ALA A 17 -12.24 11.73 12.47
CA ALA A 17 -11.91 12.24 11.14
C ALA A 17 -12.32 11.23 10.07
N GLU A 18 -12.10 9.93 10.32
CA GLU A 18 -12.54 8.90 9.36
C GLU A 18 -14.10 8.97 9.14
N GLN A 19 -14.84 9.12 10.24
CA GLN A 19 -16.30 9.26 10.14
C GLN A 19 -16.76 10.47 9.33
N ALA A 20 -16.01 11.57 9.46
CA ALA A 20 -16.28 12.83 8.80
C ALA A 20 -15.69 12.90 7.38
N GLU A 21 -15.05 11.79 6.96
CA GLU A 21 -14.30 11.73 5.70
CA GLU A 21 -14.29 11.72 5.70
C GLU A 21 -13.23 12.83 5.55
N ARG A 22 -12.56 13.15 6.66
CA ARG A 22 -11.53 14.17 6.66
C ARG A 22 -10.20 13.47 6.72
N TYR A 23 -9.77 12.95 5.57
CA TYR A 23 -8.63 12.01 5.56
C TYR A 23 -7.28 12.68 5.78
N GLU A 24 -7.12 13.93 5.32
CA GLU A 24 -5.89 14.68 5.62
CA GLU A 24 -5.90 14.71 5.62
C GLU A 24 -5.76 14.84 7.15
N ASP A 25 -6.85 15.22 7.84
CA ASP A 25 -6.79 15.33 9.30
C ASP A 25 -6.51 13.96 9.91
N MET A 26 -7.15 12.94 9.38
CA MET A 26 -6.94 11.59 9.90
C MET A 26 -5.47 11.19 9.81
N ALA A 27 -4.82 11.50 8.66
CA ALA A 27 -3.41 11.14 8.49
C ALA A 27 -2.54 11.92 9.47
N ALA A 28 -2.83 13.21 9.64
CA ALA A 28 -2.07 14.04 10.57
C ALA A 28 -2.20 13.53 12.02
N PHE A 29 -3.42 13.12 12.40
CA PHE A 29 -3.61 12.59 13.77
C PHE A 29 -2.81 11.29 13.92
N MET A 30 -2.91 10.40 12.92
CA MET A 30 -2.16 9.16 13.04
C MET A 30 -0.63 9.34 12.98
N LYS A 31 -0.15 10.29 12.17
CA LYS A 31 1.26 10.63 12.17
C LYS A 31 1.66 11.05 13.58
N GLY A 32 0.85 11.95 14.18
CA GLY A 32 1.12 12.34 15.59
C GLY A 32 1.17 11.15 16.54
N ALA A 33 0.24 10.20 16.39
CA ALA A 33 0.25 9.00 17.25
C ALA A 33 1.50 8.16 17.06
N VAL A 34 1.90 7.95 15.80
CA VAL A 34 3.13 7.18 15.54
C VAL A 34 4.30 7.87 16.22
N GLU A 35 4.36 9.20 16.08
CA GLU A 35 5.49 9.96 16.62
C GLU A 35 5.57 9.97 18.13
N LYS A 36 4.55 9.48 18.82
CA LYS A 36 4.67 9.22 20.26
C LYS A 36 5.68 8.14 20.60
N GLY A 37 6.01 7.29 19.62
CA GLY A 37 7.13 6.34 19.76
C GLY A 37 6.76 4.95 20.26
N GLU A 38 5.49 4.76 20.65
CA GLU A 38 4.99 3.44 21.05
CA GLU A 38 4.99 3.45 21.05
C GLU A 38 4.58 2.65 19.81
N GLU A 39 4.66 1.32 19.91
CA GLU A 39 4.16 0.45 18.82
C GLU A 39 2.66 0.69 18.61
N LEU A 40 2.16 0.36 17.43
CA LEU A 40 0.73 0.48 17.13
C LEU A 40 0.06 -0.87 17.24
N SER A 41 -1.14 -0.88 17.78
CA SER A 41 -1.96 -2.09 17.78
C SER A 41 -2.52 -2.41 16.37
N GLU A 43 -5.60 -2.42 15.31
CA GLU A 43 -6.63 -1.42 14.96
CA GLU A 43 -6.63 -1.44 14.96
C GLU A 43 -5.95 -0.13 14.55
N GLU A 44 -4.91 0.26 15.28
CA GLU A 44 -4.21 1.55 15.01
C GLU A 44 -3.41 1.48 13.69
N ARG A 45 -2.79 0.34 13.40
CA ARG A 45 -2.15 0.14 12.07
C ARG A 45 -3.15 0.35 10.98
N ASN A 46 -4.33 -0.21 11.17
CA ASN A 46 -5.34 -0.02 10.14
C ASN A 46 -5.78 1.41 9.97
N LEU A 47 -5.83 2.19 11.07
CA LEU A 47 -6.18 3.62 10.93
C LEU A 47 -5.12 4.35 10.13
N LEU A 48 -3.85 4.02 10.42
CA LEU A 48 -2.74 4.67 9.75
C LEU A 48 -2.84 4.40 8.25
N SER A 49 -3.07 3.13 7.90
CA SER A 49 -3.14 2.74 6.49
CA SER A 49 -3.09 2.79 6.48
C SER A 49 -4.31 3.38 5.77
N VAL A 50 -5.50 3.34 6.38
CA VAL A 50 -6.71 3.94 5.75
C VAL A 50 -6.45 5.43 5.51
N ALA A 51 -5.88 6.12 6.48
CA ALA A 51 -5.72 7.58 6.35
C ALA A 51 -4.85 7.90 5.15
N TYR A 52 -3.65 7.32 5.14
CA TYR A 52 -2.74 7.65 4.05
C TYR A 52 -3.19 7.12 2.70
N LYS A 53 -3.89 5.97 2.67
CA LYS A 53 -4.30 5.44 1.38
CA LYS A 53 -4.39 5.39 1.43
C LYS A 53 -5.31 6.39 0.76
N ASN A 54 -6.17 6.99 1.57
CA ASN A 54 -7.12 7.96 1.05
C ASN A 54 -6.50 9.26 0.61
N VAL A 55 -5.51 9.75 1.37
CA VAL A 55 -4.82 10.99 0.98
C VAL A 55 -4.08 10.76 -0.33
N VAL A 56 -3.26 9.72 -0.40
CA VAL A 56 -2.47 9.47 -1.60
C VAL A 56 -3.38 9.11 -2.76
N GLY A 57 -4.52 8.47 -2.47
CA GLY A 57 -5.44 8.12 -3.54
C GLY A 57 -6.00 9.34 -4.26
N GLY A 58 -6.42 10.35 -3.50
CA GLY A 58 -6.81 11.65 -4.08
C GLY A 58 -5.71 12.25 -4.99
N GLN A 59 -4.45 12.21 -4.52
CA GLN A 59 -3.34 12.80 -5.27
C GLN A 59 -3.09 11.96 -6.53
N ARG A 60 -3.17 10.63 -6.42
CA ARG A 60 -2.89 9.79 -7.58
C ARG A 60 -3.96 10.02 -8.67
N ALA A 61 -5.21 10.16 -8.26
CA ALA A 61 -6.31 10.39 -9.19
C ALA A 61 -6.11 11.70 -9.89
N ALA A 62 -5.72 12.73 -9.13
CA ALA A 62 -5.47 14.03 -9.74
C ALA A 62 -4.28 14.04 -10.69
N TRP A 63 -3.20 13.39 -10.27
CA TRP A 63 -1.99 13.30 -11.05
C TRP A 63 -2.30 12.59 -12.37
N ARG A 64 -3.16 11.58 -12.35
CA ARG A 64 -3.49 10.89 -13.61
C ARG A 64 -4.26 11.75 -14.58
N VAL A 65 -5.22 12.51 -14.04
CA VAL A 65 -6.02 13.45 -14.82
C VAL A 65 -5.07 14.47 -15.49
N LEU A 66 -4.17 15.05 -14.70
CA LEU A 66 -3.27 16.09 -15.20
C LEU A 66 -2.24 15.51 -16.17
N SER A 67 -1.71 14.33 -15.88
CA SER A 67 -0.73 13.70 -16.79
CA SER A 67 -0.74 13.71 -16.80
C SER A 67 -1.37 13.40 -18.15
N SER A 68 -2.63 12.99 -18.12
CA SER A 68 -3.33 12.70 -19.37
CA SER A 68 -3.38 12.71 -19.35
C SER A 68 -3.51 13.96 -20.20
N ILE A 69 -3.90 15.06 -19.56
CA ILE A 69 -4.07 16.35 -20.25
C ILE A 69 -2.72 16.79 -20.82
N GLU A 70 -1.66 16.62 -20.02
CA GLU A 70 -0.31 17.02 -20.45
C GLU A 70 0.12 16.22 -21.68
N GLN A 71 -0.12 14.92 -21.63
CA GLN A 71 0.28 14.05 -22.75
C GLN A 71 -0.47 14.40 -24.02
N LYS A 72 -1.74 14.72 -23.90
CA LYS A 72 -2.53 15.20 -25.03
C LYS A 72 -1.96 16.50 -25.62
N SER A 73 -1.55 17.41 -24.74
CA SER A 73 -0.94 18.66 -25.17
C SER A 73 0.36 18.42 -25.94
N ASN A 74 0.97 17.25 -25.75
CA ASN A 74 2.24 16.94 -26.39
C ASN A 74 2.12 16.02 -27.60
N GLU A 79 -2.25 22.60 -30.08
CA GLU A 79 -1.95 23.99 -29.69
C GLU A 79 -1.10 24.10 -28.45
N GLU A 80 -0.06 24.94 -28.53
CA GLU A 80 0.77 25.30 -27.38
C GLU A 80 -0.09 26.11 -26.40
N LYS A 81 -0.09 25.70 -25.13
CA LYS A 81 -0.92 26.42 -24.15
C LYS A 81 -0.05 26.96 -23.01
N GLY A 82 1.27 26.84 -23.19
CA GLY A 82 2.24 27.34 -22.22
C GLY A 82 2.59 26.28 -21.18
N PRO A 83 3.27 26.70 -20.11
CA PRO A 83 3.85 25.80 -19.14
C PRO A 83 2.85 25.34 -18.08
N GLU A 84 1.60 25.81 -18.15
CA GLU A 84 0.73 25.71 -16.98
C GLU A 84 0.36 24.26 -16.62
N VAL A 85 0.08 23.44 -17.64
CA VAL A 85 -0.33 22.05 -17.37
C VAL A 85 0.83 21.31 -16.72
N ARG A 86 2.02 21.47 -17.31
CA ARG A 86 3.23 20.85 -16.71
C ARG A 86 3.46 21.36 -15.30
N GLU A 87 3.32 22.68 -15.09
CA GLU A 87 3.58 23.27 -13.76
C GLU A 87 2.65 22.68 -12.72
N TYR A 88 1.37 22.57 -13.08
CA TYR A 88 0.39 22.14 -12.10
C TYR A 88 0.49 20.61 -11.88
N ARG A 89 0.78 19.87 -12.96
CA ARG A 89 1.04 18.42 -12.76
C ARG A 89 2.26 18.23 -11.83
N GLU A 90 3.34 19.01 -12.03
CA GLU A 90 4.49 18.99 -11.13
CA GLU A 90 4.48 19.02 -11.12
C GLU A 90 4.12 19.36 -9.69
N LYS A 91 3.22 20.29 -9.49
CA LYS A 91 2.86 20.70 -8.12
C LYS A 91 2.21 19.49 -7.42
N VAL A 92 1.26 18.90 -8.12
CA VAL A 92 0.50 17.76 -7.57
C VAL A 92 1.47 16.59 -7.33
N GLU A 93 2.35 16.35 -8.31
CA GLU A 93 3.39 15.33 -8.19
C GLU A 93 4.30 15.52 -6.97
N THR A 94 4.71 16.76 -6.75
CA THR A 94 5.58 17.06 -5.60
C THR A 94 4.86 16.78 -4.28
N GLU A 95 3.58 17.12 -4.24
CA GLU A 95 2.83 16.96 -3.00
CA GLU A 95 2.76 16.96 -3.03
C GLU A 95 2.63 15.46 -2.74
N LEU A 96 2.40 14.73 -3.82
CA LEU A 96 2.23 13.26 -3.74
CA LEU A 96 2.26 13.27 -3.78
C LEU A 96 3.54 12.63 -3.24
N GLN A 97 4.68 13.08 -3.77
CA GLN A 97 5.98 12.56 -3.35
C GLN A 97 6.19 12.86 -1.89
N GLY A 98 5.76 14.05 -1.46
CA GLY A 98 5.92 14.43 -0.06
C GLY A 98 5.13 13.52 0.88
N VAL A 99 3.92 13.13 0.47
CA VAL A 99 3.08 12.22 1.27
C VAL A 99 3.76 10.87 1.33
N CYS A 100 4.23 10.37 0.18
CA CYS A 100 4.92 9.08 0.18
C CYS A 100 6.15 9.13 1.08
N ASP A 101 6.94 10.21 0.98
CA ASP A 101 8.15 10.31 1.79
C ASP A 101 7.81 10.35 3.28
N THR A 102 6.68 10.98 3.62
CA THR A 102 6.23 11.05 5.05
C THR A 102 5.93 9.67 5.57
N VAL A 103 5.18 8.90 4.78
CA VAL A 103 4.80 7.53 5.21
C VAL A 103 6.08 6.68 5.35
N LEU A 104 6.92 6.74 4.32
CA LEU A 104 8.18 5.98 4.35
C LEU A 104 9.03 6.39 5.54
N GLY A 105 8.99 7.68 5.86
CA GLY A 105 9.73 8.15 7.05
C GLY A 105 9.23 7.57 8.37
N LEU A 106 7.93 7.44 8.50
CA LEU A 106 7.32 6.87 9.70
C LEU A 106 7.70 5.40 9.79
N LEU A 107 7.64 4.71 8.65
CA LEU A 107 8.03 3.29 8.65
C LEU A 107 9.49 3.09 9.06
N ASP A 108 10.37 3.97 8.58
CA ASP A 108 11.79 3.89 8.86
C ASP A 108 12.18 4.44 10.24
N SER A 109 11.30 5.22 10.83
CA SER A 109 11.58 5.89 12.12
C SER A 109 10.38 5.87 13.07
N HIS A 110 10.06 4.74 13.72
CA HIS A 110 10.88 3.53 13.77
C HIS A 110 9.94 2.32 13.73
N LEU A 111 8.88 2.40 12.93
CA LEU A 111 7.83 1.36 12.99
C LEU A 111 8.38 -0.04 12.62
N ILE A 112 9.08 -0.13 11.51
CA ILE A 112 9.53 -1.44 11.03
C ILE A 112 10.56 -2.04 12.00
N LYS A 113 11.50 -1.23 12.46
CA LYS A 113 12.53 -1.84 13.29
C LYS A 113 11.97 -2.37 14.63
N GLU A 114 10.88 -1.80 15.14
CA GLU A 114 10.33 -2.32 16.39
CA GLU A 114 10.26 -2.23 16.40
C GLU A 114 9.28 -3.41 16.20
N ALA A 115 8.94 -3.71 14.93
CA ALA A 115 7.86 -4.65 14.66
C ALA A 115 8.42 -6.08 14.62
N GLY A 116 8.15 -6.83 15.66
CA GLY A 116 8.66 -8.21 15.76
C GLY A 116 7.68 -9.32 15.42
N ASP A 117 6.40 -9.08 15.60
CA ASP A 117 5.41 -10.06 15.26
C ASP A 117 5.17 -10.09 13.77
N ALA A 118 4.86 -11.26 13.24
CA ALA A 118 4.61 -11.35 11.81
C ALA A 118 3.55 -10.38 11.29
N GLU A 119 2.41 -10.26 12.01
CA GLU A 119 1.30 -9.44 11.56
CA GLU A 119 1.29 -9.43 11.57
C GLU A 119 1.70 -7.96 11.43
N SER A 120 2.50 -7.46 12.37
CA SER A 120 2.92 -6.07 12.28
CA SER A 120 2.91 -6.07 12.28
C SER A 120 4.02 -5.89 11.22
N ARG A 121 4.98 -6.80 11.19
CA ARG A 121 6.12 -6.63 10.31
C ARG A 121 5.72 -6.74 8.85
N VAL A 122 4.89 -7.74 8.54
CA VAL A 122 4.37 -7.86 7.17
C VAL A 122 3.52 -6.65 6.79
N PHE A 123 2.69 -6.17 7.73
CA PHE A 123 1.84 -4.99 7.44
C PHE A 123 2.73 -3.79 7.05
N TYR A 124 3.78 -3.55 7.86
CA TYR A 124 4.58 -2.36 7.59
C TYR A 124 5.41 -2.53 6.33
N LEU A 125 5.92 -3.74 6.08
CA LEU A 125 6.73 -3.92 4.88
C LEU A 125 5.85 -3.81 3.63
N LYS A 126 4.64 -4.34 3.69
CA LYS A 126 3.68 -4.13 2.57
C LYS A 126 3.48 -2.61 2.32
N MET A 127 3.30 -1.84 3.41
CA MET A 127 3.13 -0.39 3.25
CA MET A 127 3.13 -0.40 3.27
C MET A 127 4.35 0.22 2.59
N LYS A 128 5.55 -0.22 3.00
CA LYS A 128 6.78 0.28 2.39
C LYS A 128 6.77 -0.02 0.90
N GLY A 129 6.40 -1.24 0.52
CA GLY A 129 6.27 -1.59 -0.92
C GLY A 129 5.26 -0.68 -1.63
N ASP A 130 4.08 -0.49 -1.03
CA ASP A 130 3.03 0.29 -1.65
C ASP A 130 3.49 1.76 -1.90
N TYR A 131 4.10 2.38 -0.89
CA TYR A 131 4.47 3.79 -1.04
C TYR A 131 5.66 3.99 -1.98
N TYR A 132 6.60 3.04 -2.04
CA TYR A 132 7.60 3.12 -3.09
C TYR A 132 6.95 2.90 -4.44
N ARG A 133 5.94 1.99 -4.50
CA ARG A 133 5.21 1.79 -5.74
C ARG A 133 4.55 3.12 -6.23
N TYR A 134 3.98 3.87 -5.30
CA TYR A 134 3.32 5.15 -5.69
C TYR A 134 4.37 6.12 -6.16
N LEU A 135 5.53 6.14 -5.50
CA LEU A 135 6.66 6.92 -6.03
C LEU A 135 7.03 6.46 -7.42
N ALA A 136 7.04 5.14 -7.64
CA ALA A 136 7.47 4.65 -9.00
C ALA A 136 6.52 5.07 -10.11
N GLU A 137 5.23 5.22 -9.78
CA GLU A 137 4.20 5.56 -10.77
C GLU A 137 4.51 6.91 -11.41
N VAL A 138 5.14 7.80 -10.65
CA VAL A 138 5.45 9.16 -11.17
C VAL A 138 6.91 9.39 -11.49
N ALA A 139 7.75 8.39 -11.26
CA ALA A 139 9.20 8.49 -11.46
C ALA A 139 9.55 8.32 -12.94
N THR A 140 10.69 8.87 -13.36
N THR A 140 10.46 9.20 -13.38
CA THR A 140 11.19 8.56 -14.71
CA THR A 140 10.85 9.37 -14.79
C THR A 140 12.64 8.04 -14.66
C THR A 140 12.34 9.67 -14.93
N GLY A 141 13.10 7.40 -15.73
N GLY A 141 13.05 9.71 -13.83
CA GLY A 141 14.54 7.07 -15.89
CA GLY A 141 14.45 10.10 -13.85
C GLY A 141 15.09 6.03 -14.94
C GLY A 141 15.42 8.98 -13.58
N ASP A 142 16.37 6.12 -14.60
N ASP A 142 16.63 9.36 -13.16
CA ASP A 142 16.95 5.13 -13.69
CA ASP A 142 17.69 8.39 -12.99
C ASP A 142 16.65 5.57 -12.26
C ASP A 142 17.51 7.57 -11.72
N ASP A 143 16.44 6.86 -12.06
N ASP A 143 16.37 7.78 -11.06
CA ASP A 143 15.98 7.28 -10.75
CA ASP A 143 15.97 6.95 -9.94
C ASP A 143 14.92 6.25 -10.34
C ASP A 143 14.65 6.13 -10.12
N LYS A 144 14.01 6.08 -11.30
CA LYS A 144 12.89 5.13 -11.37
C LYS A 144 13.34 3.69 -11.04
N LYS A 145 14.50 3.29 -11.56
CA LYS A 145 14.97 1.92 -11.30
C LYS A 145 15.22 1.61 -9.83
N ARG A 146 15.88 2.52 -9.10
CA ARG A 146 16.17 2.27 -7.71
CA ARG A 146 16.17 2.38 -7.68
C ARG A 146 14.87 2.32 -6.92
N ILE A 147 13.91 3.15 -7.33
CA ILE A 147 12.63 3.21 -6.62
C ILE A 147 11.85 1.88 -6.80
N ILE A 148 11.86 1.37 -8.03
CA ILE A 148 11.22 0.09 -8.35
C ILE A 148 11.88 -1.00 -7.53
N ASP A 149 13.21 -1.00 -7.47
CA ASP A 149 13.87 -2.02 -6.65
CA ASP A 149 13.97 -1.95 -6.64
C ASP A 149 13.58 -1.89 -5.16
N SER A 150 13.43 -0.66 -4.65
CA SER A 150 13.03 -0.52 -3.25
C SER A 150 11.66 -1.12 -3.01
N ALA A 151 10.74 -0.84 -3.94
CA ALA A 151 9.38 -1.44 -3.78
C ALA A 151 9.48 -2.97 -3.79
N ARG A 152 10.17 -3.50 -4.79
CA ARG A 152 10.36 -4.96 -4.94
CA ARG A 152 10.28 -4.96 -4.92
C ARG A 152 10.89 -5.60 -3.65
N SER A 153 11.95 -5.00 -3.12
CA SER A 153 12.66 -5.55 -1.97
CA SER A 153 12.67 -5.54 -1.97
C SER A 153 11.76 -5.59 -0.75
N ALA A 154 10.99 -4.52 -0.56
CA ALA A 154 10.08 -4.46 0.58
C ALA A 154 8.98 -5.55 0.45
N TYR A 155 8.38 -5.60 -0.74
CA TYR A 155 7.35 -6.62 -0.98
C TYR A 155 7.93 -8.02 -0.79
N GLN A 156 9.17 -8.22 -1.23
CA GLN A 156 9.78 -9.58 -1.19
C GLN A 156 10.01 -9.99 0.22
N GLU A 157 10.55 -9.08 1.05
CA GLU A 157 10.75 -9.40 2.47
CA GLU A 157 10.73 -9.39 2.48
C GLU A 157 9.40 -9.72 3.15
N ALA A 158 8.37 -8.93 2.86
CA ALA A 158 7.05 -9.17 3.40
C ALA A 158 6.53 -10.55 2.97
N MET A 159 6.72 -10.90 1.72
CA MET A 159 6.20 -12.18 1.21
CA MET A 159 6.24 -12.19 1.18
C MET A 159 6.94 -13.33 1.91
N ASP A 160 8.27 -13.20 2.05
CA ASP A 160 9.04 -14.27 2.70
C ASP A 160 8.53 -14.55 4.12
N ILE A 161 8.31 -13.47 4.88
CA ILE A 161 7.78 -13.61 6.26
C ILE A 161 6.36 -14.17 6.26
N SER A 162 5.52 -13.65 5.35
CA SER A 162 4.12 -14.04 5.30
CA SER A 162 4.14 -14.05 5.27
C SER A 162 3.99 -15.54 5.00
N LYS A 163 4.85 -16.03 4.12
CA LYS A 163 4.74 -17.46 3.72
C LYS A 163 5.21 -18.39 4.85
N LYS A 164 6.19 -17.93 5.63
CA LYS A 164 6.70 -18.70 6.74
CA LYS A 164 6.72 -18.71 6.74
C LYS A 164 5.79 -18.68 7.95
N GLU A 165 5.11 -17.53 8.19
CA GLU A 165 4.48 -17.26 9.48
CA GLU A 165 4.48 -17.27 9.48
C GLU A 165 2.97 -17.12 9.49
N MET A 166 2.32 -17.05 8.33
CA MET A 166 0.88 -16.85 8.31
C MET A 166 0.24 -17.89 7.44
N PRO A 167 -1.05 -18.20 7.72
CA PRO A 167 -1.78 -19.13 6.87
C PRO A 167 -2.09 -18.46 5.54
N PRO A 168 -2.33 -19.29 4.49
CA PRO A 168 -2.54 -18.74 3.16
C PRO A 168 -3.79 -17.94 3.04
N THR A 169 -4.71 -18.06 4.00
CA THR A 169 -5.91 -17.24 3.97
C THR A 169 -5.81 -15.95 4.79
N ASN A 170 -4.68 -15.72 5.46
CA ASN A 170 -4.59 -14.52 6.31
C ASN A 170 -4.83 -13.24 5.44
N PRO A 171 -5.76 -12.36 5.82
CA PRO A 171 -6.04 -11.23 4.93
C PRO A 171 -4.87 -10.29 4.62
N ILE A 172 -3.98 -10.13 5.58
CA ILE A 172 -2.81 -9.29 5.28
CA ILE A 172 -2.73 -9.37 5.42
C ILE A 172 -1.92 -10.00 4.31
N ARG A 173 -1.72 -11.31 4.45
CA ARG A 173 -0.95 -12.09 3.44
C ARG A 173 -1.60 -11.98 2.06
N LEU A 174 -2.93 -12.11 2.02
CA LEU A 174 -3.67 -11.99 0.76
C LEU A 174 -3.54 -10.62 0.11
N GLY A 175 -3.66 -9.56 0.92
CA GLY A 175 -3.55 -8.20 0.42
C GLY A 175 -2.15 -7.87 -0.08
N LEU A 176 -1.15 -8.39 0.64
CA LEU A 176 0.23 -8.24 0.23
C LEU A 176 0.42 -8.89 -1.14
N ALA A 177 -0.05 -10.13 -1.27
CA ALA A 177 0.12 -10.79 -2.57
C ALA A 177 -0.63 -10.08 -3.71
N LEU A 178 -1.84 -9.62 -3.44
CA LEU A 178 -2.58 -8.83 -4.43
C LEU A 178 -1.77 -7.63 -4.86
N ASN A 179 -1.25 -6.86 -3.88
CA ASN A 179 -0.53 -5.61 -4.25
C ASN A 179 0.80 -5.90 -4.93
N PHE A 180 1.47 -7.00 -4.55
CA PHE A 180 2.73 -7.31 -5.19
C PHE A 180 2.42 -7.77 -6.64
N SER A 181 1.30 -8.46 -6.85
CA SER A 181 0.92 -8.84 -8.23
CA SER A 181 0.91 -8.82 -8.23
CA SER A 181 0.90 -8.84 -8.21
C SER A 181 0.67 -7.57 -9.05
N VAL A 182 0.02 -6.57 -8.45
CA VAL A 182 -0.23 -5.29 -9.14
C VAL A 182 1.10 -4.61 -9.45
N PHE A 183 2.05 -4.67 -8.53
CA PHE A 183 3.38 -4.13 -8.78
C PHE A 183 3.98 -4.83 -10.02
N HIS A 184 3.93 -6.18 -10.07
CA HIS A 184 4.51 -6.85 -11.22
C HIS A 184 3.84 -6.41 -12.52
N TYR A 185 2.50 -6.29 -12.52
CA TYR A 185 1.75 -6.03 -13.76
C TYR A 185 1.92 -4.58 -14.23
N GLU A 186 1.82 -3.68 -13.27
CA GLU A 186 1.77 -2.24 -13.60
C GLU A 186 3.12 -1.51 -13.57
N ILE A 187 4.04 -1.98 -12.77
CA ILE A 187 5.29 -1.25 -12.57
C ILE A 187 6.46 -1.99 -13.20
N ALA A 188 6.53 -3.30 -12.97
CA ALA A 188 7.76 -4.04 -13.27
C ALA A 188 7.70 -4.67 -14.66
N ASN A 189 6.63 -4.41 -15.40
CA ASN A 189 6.50 -4.96 -16.77
CA ASN A 189 6.41 -4.98 -16.75
C ASN A 189 6.61 -6.49 -16.75
N SER A 190 6.00 -7.13 -15.76
CA SER A 190 6.12 -8.59 -15.59
C SER A 190 4.72 -9.17 -15.45
N PRO A 191 3.90 -9.08 -16.51
CA PRO A 191 2.53 -9.56 -16.39
C PRO A 191 2.49 -11.05 -16.11
N GLU A 192 3.42 -11.83 -16.63
CA GLU A 192 3.37 -13.28 -16.29
C GLU A 192 3.61 -13.56 -14.81
N GLU A 193 4.54 -12.82 -14.20
CA GLU A 193 4.80 -12.95 -12.78
C GLU A 193 3.56 -12.53 -12.00
N ALA A 194 2.91 -11.47 -12.48
CA ALA A 194 1.65 -11.01 -11.84
C ALA A 194 0.55 -12.06 -11.82
N ILE A 195 0.34 -12.67 -12.98
CA ILE A 195 -0.72 -13.67 -13.13
C ILE A 195 -0.36 -14.92 -12.32
N SER A 196 0.90 -15.35 -12.36
CA SER A 196 1.33 -16.53 -11.60
CA SER A 196 1.33 -16.52 -11.58
C SER A 196 1.13 -16.32 -10.09
N LEU A 197 1.55 -15.15 -9.61
CA LEU A 197 1.42 -14.90 -8.19
C LEU A 197 -0.05 -14.86 -7.79
N ALA A 198 -0.86 -14.17 -8.58
CA ALA A 198 -2.29 -14.02 -8.17
C ALA A 198 -2.98 -15.40 -8.20
N LYS A 199 -2.65 -16.21 -9.21
CA LYS A 199 -3.25 -17.55 -9.32
CA LYS A 199 -3.22 -17.58 -9.34
C LYS A 199 -2.82 -18.49 -8.19
N THR A 200 -1.52 -18.58 -7.91
CA THR A 200 -1.06 -19.41 -6.83
CA THR A 200 -1.09 -19.44 -6.80
C THR A 200 -1.66 -18.95 -5.47
N THR A 201 -1.64 -17.64 -5.26
CA THR A 201 -2.22 -17.10 -4.02
C THR A 201 -3.68 -17.48 -3.87
N PHE A 202 -4.42 -17.29 -4.96
CA PHE A 202 -5.85 -17.65 -4.93
C PHE A 202 -6.05 -19.15 -4.60
N ASP A 203 -5.30 -20.00 -5.27
CA ASP A 203 -5.51 -21.45 -5.19
C ASP A 203 -5.12 -21.95 -3.81
N GLU A 204 -4.05 -21.41 -3.25
CA GLU A 204 -3.63 -21.83 -1.94
CA GLU A 204 -3.59 -21.79 -1.91
C GLU A 204 -4.59 -21.32 -0.86
N ALA A 205 -5.21 -20.16 -1.06
CA ALA A 205 -6.21 -19.68 -0.10
C ALA A 205 -7.47 -20.57 -0.19
N MET A 206 -7.91 -20.85 -1.42
CA MET A 206 -9.08 -21.71 -1.57
CA MET A 206 -9.06 -21.75 -1.63
C MET A 206 -8.96 -23.01 -0.77
N ALA A 207 -7.80 -23.64 -0.83
CA ALA A 207 -7.57 -24.92 -0.17
C ALA A 207 -7.55 -24.85 1.36
N ASP A 208 -7.42 -23.65 1.91
CA ASP A 208 -7.34 -23.40 3.35
CA ASP A 208 -7.41 -23.50 3.36
C ASP A 208 -8.69 -22.86 3.92
N LEU A 209 -9.65 -22.55 3.04
CA LEU A 209 -10.88 -21.94 3.52
C LEU A 209 -11.61 -22.82 4.52
N HIS A 210 -11.47 -24.13 4.38
CA HIS A 210 -12.24 -25.07 5.22
C HIS A 210 -11.90 -24.92 6.71
N THR A 211 -10.74 -24.31 7.02
CA THR A 211 -10.28 -24.15 8.38
C THR A 211 -10.87 -22.94 9.09
N LEU A 212 -11.60 -22.10 8.35
CA LEU A 212 -12.03 -20.79 8.86
C LEU A 212 -13.44 -20.77 9.42
N SER A 213 -13.65 -19.92 10.43
CA SER A 213 -15.00 -19.51 10.86
C SER A 213 -15.75 -18.76 9.77
N GLU A 214 -17.05 -18.59 9.98
CA GLU A 214 -17.89 -17.85 9.06
CA GLU A 214 -17.82 -17.92 8.95
C GLU A 214 -17.33 -16.46 8.81
N ASP A 215 -16.95 -15.80 9.92
CA ASP A 215 -16.44 -14.44 9.79
C ASP A 215 -15.06 -14.34 9.08
N SER A 216 -14.11 -15.19 9.44
CA SER A 216 -12.80 -15.24 8.77
C SER A 216 -12.96 -15.61 7.30
N TYR A 217 -13.89 -16.54 7.01
CA TYR A 217 -14.19 -16.91 5.62
CA TYR A 217 -14.21 -16.91 5.64
C TYR A 217 -14.63 -15.69 4.83
N LYS A 218 -15.53 -14.88 5.39
CA LYS A 218 -15.96 -13.65 4.70
CA LYS A 218 -15.96 -13.65 4.72
C LYS A 218 -14.77 -12.71 4.45
N ASP A 219 -13.91 -12.52 5.45
CA ASP A 219 -12.73 -11.62 5.31
C ASP A 219 -11.81 -12.09 4.17
N SER A 220 -11.49 -13.40 4.17
CA SER A 220 -10.57 -13.98 3.15
C SER A 220 -11.18 -14.00 1.76
N THR A 221 -12.45 -14.39 1.65
CA THR A 221 -13.01 -14.56 0.33
C THR A 221 -13.16 -13.18 -0.34
N LEU A 222 -13.36 -12.12 0.45
CA LEU A 222 -13.45 -10.78 -0.12
CA LEU A 222 -13.44 -10.77 -0.11
C LEU A 222 -12.15 -10.44 -0.86
N ILE A 223 -11.02 -10.71 -0.25
CA ILE A 223 -9.72 -10.40 -0.92
C ILE A 223 -9.44 -11.38 -2.05
N MET A 224 -9.87 -12.64 -1.90
CA MET A 224 -9.70 -13.58 -3.03
C MET A 224 -10.47 -13.11 -4.28
N GLN A 225 -11.63 -12.47 -4.08
CA GLN A 225 -12.41 -11.96 -5.19
C GLN A 225 -11.65 -10.86 -5.94
N LEU A 226 -10.94 -10.03 -5.17
CA LEU A 226 -10.05 -9.02 -5.77
C LEU A 226 -8.94 -9.65 -6.63
N LEU A 227 -8.33 -10.76 -6.14
CA LEU A 227 -7.36 -11.47 -6.94
C LEU A 227 -8.04 -12.00 -8.19
N ARG A 228 -9.24 -12.56 -8.03
CA ARG A 228 -9.96 -13.06 -9.21
CA ARG A 228 -10.00 -13.06 -9.20
C ARG A 228 -10.29 -11.93 -10.19
N ASP A 229 -10.71 -10.79 -9.67
CA ASP A 229 -11.05 -9.60 -10.51
C ASP A 229 -9.83 -9.20 -11.38
N ASN A 230 -8.64 -9.21 -10.77
CA ASN A 230 -7.43 -8.87 -11.51
C ASN A 230 -7.07 -9.90 -12.53
N LEU A 231 -7.18 -11.17 -12.17
CA LEU A 231 -6.91 -12.25 -13.11
C LEU A 231 -7.83 -12.20 -14.32
N THR A 232 -9.08 -11.80 -14.10
CA THR A 232 -10.02 -11.57 -15.22
C THR A 232 -9.61 -10.35 -16.08
N LEU A 233 -9.11 -9.29 -15.44
CA LEU A 233 -8.64 -8.12 -16.16
CA LEU A 233 -8.64 -8.12 -16.16
C LEU A 233 -7.39 -8.47 -16.97
N TRP A 234 -6.56 -9.38 -16.45
CA TRP A 234 -5.22 -9.67 -17.05
C TRP A 234 -5.14 -10.83 -18.04
N THR A 235 -6.19 -11.64 -18.09
CA THR A 235 -6.19 -12.79 -18.99
C THR A 235 -7.38 -12.69 -19.96
#